data_1A0R
#
_entry.id   1A0R
#
_cell.length_a   76.090
_cell.length_b   87.910
_cell.length_c   98.740
_cell.angle_alpha   90.00
_cell.angle_beta   90.00
_cell.angle_gamma   90.00
#
_symmetry.space_group_name_H-M   'P 21 21 21'
#
loop_
_entity.id
_entity.type
_entity.pdbx_description
1 polymer 'TRANSDUCIN (BETA SUBUNIT)'
2 polymer 'TRANSDUCIN (GAMMA SUBUNIT)'
3 polymer PHOSDUCIN
4 non-polymer FARNESYL
5 water water
#
loop_
_entity_poly.entity_id
_entity_poly.type
_entity_poly.pdbx_seq_one_letter_code
_entity_poly.pdbx_strand_id
1 'polypeptide(L)'
;(ACE)SELDQLRQEAEQLKNQIRDARKACADATLSQITNNIDPVGRIQMRTRRTLRGHLAKIYAMHWGTDSRLLLSASQD
GKLIIWDSYTTNKVHAIPLRSSWVMTCAYAPSGNYVACGGLDNICSIYNLKTREGNVRVSRELAGHTGYLSCCRFLDDNQ
IVTSSGDTTCALWDIETGQQTTTFTGHTGDVMSLSLAPDTRLFVSGACDASAKLWDVREGMCRQTFTGHESDINAICFFP
NGNAFATGSDDATCRLFDLRADQELMTYSHDNIICGITSVSFSKSGRLLLAGYDDFNCNVWDALKADRAGVLAGHDNRVS
CLGVTDDGMAVATGSWDSFLKIWN
;
B
2 'polypeptide(L)' PVINIEDLTEKDKLKMEVDQLKKEVTLERMLVSKCCEEFRDYVEERSGEDPLVKGIPEDKNPFKE G
3 'polypeptide(L)'
;MEKAKSQSLEEDFEGQASHTGPKGVINDWRKFKLESEDSDSVAHSKKEILRQMSSPQSRDDKDSKERFSRKMSVQEYELI
HKDKEDENCLRKYRRQCMQDMHQKLSFGPRYGFVYELESGEQFLETIEKEQKITTIVVHIYEDGIKGCDALNSSLICLAA
EYPMVKFCKIKASNTGAGDRFSSDVLPTLLVYKGGELLSNFISVTEQLAEEFFTGDVESFLNEYGLLPEKEMHVLEQTNM
EEDME
;
P
#
# COMPACT_ATOMS: atom_id res chain seq x y z
N SER A 2 -6.72 -34.82 -26.57
CA SER A 2 -7.73 -34.15 -25.73
C SER A 2 -7.86 -34.75 -24.35
N GLU A 3 -7.12 -35.83 -24.11
CA GLU A 3 -7.12 -36.50 -22.82
C GLU A 3 -6.62 -35.55 -21.75
N LEU A 4 -7.56 -35.00 -21.00
CA LEU A 4 -7.28 -34.06 -19.93
C LEU A 4 -6.23 -34.55 -18.95
N ASP A 5 -6.38 -35.79 -18.48
CA ASP A 5 -5.45 -36.37 -17.52
C ASP A 5 -4.02 -36.19 -18.00
N GLN A 6 -3.76 -36.58 -19.25
CA GLN A 6 -2.42 -36.47 -19.82
C GLN A 6 -1.96 -35.03 -19.94
N LEU A 7 -2.86 -34.15 -20.36
CA LEU A 7 -2.53 -32.73 -20.50
C LEU A 7 -2.15 -32.10 -19.16
N ARG A 8 -3.01 -32.27 -18.16
CA ARG A 8 -2.75 -31.72 -16.84
C ARG A 8 -1.56 -32.42 -16.17
N GLN A 9 -1.26 -33.63 -16.65
CA GLN A 9 -0.14 -34.39 -16.13
C GLN A 9 1.14 -33.75 -16.66
N GLU A 10 1.16 -33.49 -17.96
CA GLU A 10 2.31 -32.86 -18.62
C GLU A 10 2.56 -31.53 -17.94
N ALA A 11 1.48 -30.81 -17.64
CA ALA A 11 1.56 -29.51 -16.97
C ALA A 11 2.32 -29.63 -15.66
N GLU A 12 2.00 -30.67 -14.89
CA GLU A 12 2.67 -30.89 -13.61
C GLU A 12 4.16 -31.17 -13.79
N GLN A 13 4.50 -32.05 -14.74
CA GLN A 13 5.90 -32.37 -15.00
C GLN A 13 6.66 -31.13 -15.46
N LEU A 14 6.00 -30.29 -16.24
CA LEU A 14 6.61 -29.06 -16.72
C LEU A 14 6.86 -28.14 -15.53
N LYS A 15 5.87 -28.05 -14.65
CA LYS A 15 5.98 -27.23 -13.45
C LYS A 15 7.10 -27.77 -12.56
N ASN A 16 7.23 -29.09 -12.54
CA ASN A 16 8.29 -29.74 -11.75
C ASN A 16 9.64 -29.33 -12.31
N GLN A 17 9.79 -29.40 -13.63
CA GLN A 17 11.03 -29.03 -14.29
C GLN A 17 11.38 -27.58 -13.98
N ILE A 18 10.37 -26.72 -13.99
CA ILE A 18 10.56 -25.30 -13.71
C ILE A 18 11.05 -25.04 -12.28
N ARG A 19 10.42 -25.67 -11.30
CA ARG A 19 10.82 -25.48 -9.91
C ARG A 19 12.28 -25.86 -9.66
N ASP A 20 12.72 -26.97 -10.26
CA ASP A 20 14.10 -27.42 -10.10
C ASP A 20 15.07 -26.42 -10.68
N ALA A 21 14.78 -25.95 -11.89
CA ALA A 21 15.62 -24.96 -12.56
C ALA A 21 15.83 -23.77 -11.64
N ARG A 22 14.75 -23.35 -10.99
CA ARG A 22 14.80 -22.23 -10.05
C ARG A 22 15.69 -22.57 -8.87
N LYS A 23 15.46 -23.75 -8.28
CA LYS A 23 16.25 -24.21 -7.14
C LYS A 23 17.74 -24.23 -7.44
N ALA A 24 18.09 -24.62 -8.66
CA ALA A 24 19.48 -24.67 -9.08
C ALA A 24 20.10 -23.28 -9.04
N CYS A 25 19.28 -22.27 -9.32
CA CYS A 25 19.73 -20.88 -9.31
C CYS A 25 19.60 -20.23 -7.93
N ALA A 26 18.72 -20.77 -7.09
CA ALA A 26 18.49 -20.24 -5.75
C ALA A 26 19.64 -20.62 -4.81
N ASP A 27 20.80 -20.03 -5.04
CA ASP A 27 21.98 -20.31 -4.23
C ASP A 27 22.18 -19.41 -3.01
N ALA A 28 21.51 -18.26 -2.99
CA ALA A 28 21.65 -17.33 -1.86
C ALA A 28 20.47 -16.36 -1.79
N THR A 29 20.28 -15.77 -0.62
CA THR A 29 19.19 -14.81 -0.40
C THR A 29 19.75 -13.38 -0.40
N LEU A 30 18.90 -12.42 -0.75
CA LEU A 30 19.29 -11.01 -0.79
C LEU A 30 19.94 -10.54 0.51
N SER A 31 19.33 -10.89 1.64
CA SER A 31 19.84 -10.51 2.95
C SER A 31 21.34 -10.78 3.11
N GLN A 32 21.79 -11.92 2.61
CA GLN A 32 23.19 -12.30 2.69
C GLN A 32 24.05 -11.31 1.92
N ILE A 33 23.64 -11.04 0.68
CA ILE A 33 24.34 -10.11 -0.20
C ILE A 33 24.40 -8.70 0.39
N THR A 34 23.43 -8.35 1.23
CA THR A 34 23.39 -7.03 1.84
C THR A 34 23.69 -7.03 3.34
N ASN A 35 24.19 -8.14 3.86
CA ASN A 35 24.50 -8.25 5.29
C ASN A 35 25.60 -7.29 5.74
N ASN A 36 26.23 -6.64 4.77
CA ASN A 36 27.30 -5.68 5.04
C ASN A 36 26.84 -4.24 4.81
N ILE A 37 25.57 -4.08 4.46
CA ILE A 37 25.01 -2.75 4.20
C ILE A 37 24.35 -2.24 5.47
N ASP A 38 24.84 -1.11 5.98
CA ASP A 38 24.29 -0.51 7.19
C ASP A 38 22.81 -0.15 6.99
N PRO A 39 21.97 -0.42 7.99
CA PRO A 39 20.53 -0.13 7.91
C PRO A 39 20.28 1.37 7.75
N VAL A 40 19.20 1.70 7.05
CA VAL A 40 18.84 3.10 6.86
C VAL A 40 18.37 3.70 8.17
N GLY A 41 18.49 5.01 8.31
CA GLY A 41 18.05 5.67 9.53
C GLY A 41 16.55 5.45 9.69
N ARG A 42 16.07 5.45 10.93
CA ARG A 42 14.66 5.24 11.20
C ARG A 42 13.81 6.20 10.36
N ILE A 43 13.05 5.62 9.44
CA ILE A 43 12.20 6.39 8.55
C ILE A 43 10.97 6.91 9.29
N GLN A 44 10.96 8.19 9.60
CA GLN A 44 9.85 8.81 10.32
C GLN A 44 9.31 9.97 9.51
N MET A 45 8.39 9.67 8.60
CA MET A 45 7.78 10.69 7.75
C MET A 45 6.74 11.50 8.51
N ARG A 46 6.54 12.73 8.08
CA ARG A 46 5.59 13.63 8.74
C ARG A 46 4.52 14.12 7.76
N THR A 47 3.34 14.43 8.28
CA THR A 47 2.24 14.91 7.47
C THR A 47 2.58 16.34 7.07
N ARG A 48 2.45 16.64 5.79
CA ARG A 48 2.74 17.97 5.28
C ARG A 48 1.45 18.62 4.83
N ARG A 49 0.65 17.87 4.08
CA ARG A 49 -0.62 18.36 3.57
C ARG A 49 -1.76 17.42 3.91
N THR A 50 -2.95 17.97 4.03
CA THR A 50 -4.14 17.19 4.35
C THR A 50 -5.20 17.58 3.33
N LEU A 51 -5.62 16.59 2.53
CA LEU A 51 -6.61 16.82 1.48
C LEU A 51 -8.02 16.56 2.00
N ARG A 52 -8.78 17.63 2.19
CA ARG A 52 -10.15 17.55 2.68
C ARG A 52 -11.15 17.74 1.54
N GLY A 53 -12.05 16.79 1.36
CA GLY A 53 -13.04 16.90 0.30
C GLY A 53 -13.99 15.73 0.18
N HIS A 54 -13.42 14.52 0.18
CA HIS A 54 -14.24 13.32 0.07
C HIS A 54 -15.19 13.17 1.26
N LEU A 55 -16.33 12.55 1.02
CA LEU A 55 -17.33 12.36 2.07
C LEU A 55 -17.40 10.93 2.60
N ALA A 56 -16.43 10.10 2.21
CA ALA A 56 -16.43 8.71 2.64
C ALA A 56 -15.06 8.05 2.42
N LYS A 57 -14.99 6.79 2.82
CA LYS A 57 -13.79 5.95 2.72
C LYS A 57 -13.07 6.01 1.39
N ILE A 58 -11.77 6.32 1.42
CA ILE A 58 -10.97 6.38 0.21
C ILE A 58 -10.59 4.95 -0.17
N TYR A 59 -10.87 4.58 -1.41
CA TYR A 59 -10.56 3.23 -1.88
C TYR A 59 -9.22 3.13 -2.59
N ALA A 60 -8.94 4.09 -3.45
CA ALA A 60 -7.68 4.10 -4.20
C ALA A 60 -7.24 5.52 -4.52
N MET A 61 -5.99 5.65 -4.93
CA MET A 61 -5.42 6.93 -5.30
C MET A 61 -4.23 6.66 -6.22
N HIS A 62 -3.92 7.62 -7.09
CA HIS A 62 -2.81 7.48 -8.01
C HIS A 62 -2.19 8.82 -8.35
N TRP A 63 -0.87 8.91 -8.19
CA TRP A 63 -0.12 10.11 -8.47
C TRP A 63 0.04 10.37 -9.96
N GLY A 64 0.13 11.66 -10.31
CA GLY A 64 0.32 12.03 -11.69
C GLY A 64 1.82 12.17 -11.94
N THR A 65 2.24 12.13 -13.19
CA THR A 65 3.65 12.23 -13.56
C THR A 65 4.36 13.44 -12.96
N ASP A 66 3.63 14.54 -12.76
CA ASP A 66 4.20 15.76 -12.21
C ASP A 66 4.49 15.69 -10.70
N SER A 67 4.08 14.59 -10.05
CA SER A 67 4.28 14.42 -8.62
C SER A 67 3.65 15.56 -7.81
N ARG A 68 2.58 16.12 -8.35
CA ARG A 68 1.87 17.22 -7.71
C ARG A 68 0.38 16.90 -7.71
N LEU A 69 -0.19 16.76 -8.90
CA LEU A 69 -1.60 16.43 -9.03
C LEU A 69 -1.75 14.95 -8.75
N LEU A 70 -2.80 14.58 -8.03
CA LEU A 70 -3.07 13.19 -7.70
C LEU A 70 -4.56 12.96 -7.80
N LEU A 71 -4.97 11.71 -7.98
CA LEU A 71 -6.37 11.36 -8.09
C LEU A 71 -6.74 10.44 -6.93
N SER A 72 -7.99 10.53 -6.48
CA SER A 72 -8.44 9.67 -5.39
C SER A 72 -9.89 9.24 -5.58
N ALA A 73 -10.09 7.93 -5.63
CA ALA A 73 -11.41 7.34 -5.79
C ALA A 73 -11.95 7.00 -4.41
N SER A 74 -13.17 7.41 -4.11
CA SER A 74 -13.77 7.14 -2.81
C SER A 74 -15.14 6.50 -2.84
N GLN A 75 -15.51 5.92 -1.71
CA GLN A 75 -16.79 5.22 -1.51
C GLN A 75 -17.95 6.19 -1.70
N ASP A 76 -17.66 7.50 -1.65
CA ASP A 76 -18.69 8.51 -1.84
C ASP A 76 -19.09 8.66 -3.30
N GLY A 77 -18.53 7.81 -4.16
CA GLY A 77 -18.84 7.87 -5.57
C GLY A 77 -18.32 9.13 -6.23
N LYS A 78 -17.11 9.53 -5.85
CA LYS A 78 -16.51 10.74 -6.41
C LYS A 78 -15.01 10.57 -6.65
N LEU A 79 -14.57 11.05 -7.80
CA LEU A 79 -13.17 10.98 -8.22
C LEU A 79 -12.64 12.42 -8.14
N ILE A 80 -11.69 12.67 -7.26
CA ILE A 80 -11.15 14.02 -7.10
C ILE A 80 -9.68 14.15 -7.47
N ILE A 81 -9.37 15.16 -8.27
CA ILE A 81 -8.00 15.44 -8.69
C ILE A 81 -7.54 16.54 -7.75
N TRP A 82 -6.55 16.24 -6.91
CA TRP A 82 -6.05 17.21 -5.95
C TRP A 82 -4.75 17.85 -6.40
N ASP A 83 -4.42 18.96 -5.75
CA ASP A 83 -3.18 19.67 -5.98
C ASP A 83 -2.49 19.52 -4.62
N SER A 84 -1.71 18.45 -4.48
CA SER A 84 -1.01 18.14 -3.23
C SER A 84 -0.30 19.34 -2.59
N TYR A 85 0.21 20.23 -3.44
CA TYR A 85 0.93 21.40 -2.96
C TYR A 85 0.06 22.38 -2.18
N THR A 86 -1.16 22.65 -2.68
CA THR A 86 -2.05 23.60 -2.03
C THR A 86 -3.35 23.02 -1.50
N THR A 87 -3.42 21.70 -1.40
CA THR A 87 -4.62 21.00 -0.91
C THR A 87 -5.90 21.37 -1.64
N ASN A 88 -5.78 22.14 -2.73
CA ASN A 88 -6.93 22.55 -3.50
C ASN A 88 -7.45 21.44 -4.41
N LYS A 89 -8.75 21.50 -4.68
CA LYS A 89 -9.41 20.51 -5.53
C LYS A 89 -9.45 21.07 -6.96
N VAL A 90 -8.82 20.35 -7.88
CA VAL A 90 -8.79 20.76 -9.28
C VAL A 90 -9.99 20.22 -10.02
N HIS A 91 -10.34 18.96 -9.77
CA HIS A 91 -11.49 18.36 -10.43
C HIS A 91 -12.27 17.48 -9.45
N ALA A 92 -13.59 17.50 -9.57
CA ALA A 92 -14.48 16.71 -8.74
C ALA A 92 -15.32 15.98 -9.77
N ILE A 93 -15.32 14.65 -9.72
CA ILE A 93 -16.05 13.86 -10.70
C ILE A 93 -17.02 12.83 -10.12
N PRO A 94 -18.33 13.09 -10.23
CA PRO A 94 -19.34 12.16 -9.71
C PRO A 94 -19.30 10.87 -10.53
N LEU A 95 -19.30 9.75 -9.83
CA LEU A 95 -19.24 8.44 -10.46
C LEU A 95 -20.61 7.76 -10.39
N ARG A 96 -20.82 6.78 -11.26
CA ARG A 96 -22.09 6.05 -11.28
C ARG A 96 -22.17 4.99 -10.19
N SER A 97 -21.05 4.73 -9.52
CA SER A 97 -21.00 3.73 -8.46
C SER A 97 -20.13 4.24 -7.32
N SER A 98 -20.44 3.77 -6.12
CA SER A 98 -19.70 4.12 -4.92
C SER A 98 -18.58 3.11 -4.70
N TRP A 99 -18.72 1.95 -5.33
CA TRP A 99 -17.76 0.87 -5.19
C TRP A 99 -16.66 0.91 -6.25
N VAL A 100 -15.74 1.85 -6.08
CA VAL A 100 -14.61 2.01 -7.00
C VAL A 100 -13.41 1.29 -6.39
N MET A 101 -12.81 0.39 -7.15
CA MET A 101 -11.66 -0.36 -6.67
C MET A 101 -10.32 0.26 -7.05
N THR A 102 -10.31 1.00 -8.16
CA THR A 102 -9.08 1.63 -8.62
C THR A 102 -9.34 2.92 -9.38
N CYS A 103 -8.27 3.69 -9.58
CA CYS A 103 -8.33 4.94 -10.29
C CYS A 103 -6.95 5.23 -10.88
N ALA A 104 -6.90 5.38 -12.20
CA ALA A 104 -5.64 5.64 -12.89
C ALA A 104 -5.55 7.09 -13.32
N TYR A 105 -4.33 7.54 -13.56
CA TYR A 105 -4.07 8.91 -13.97
C TYR A 105 -3.14 8.81 -15.17
N ALA A 106 -3.59 9.34 -16.30
CA ALA A 106 -2.80 9.30 -17.53
C ALA A 106 -1.48 10.05 -17.32
N PRO A 107 -0.38 9.51 -17.85
CA PRO A 107 0.93 10.14 -17.74
C PRO A 107 1.01 11.55 -18.34
N SER A 108 -0.02 11.92 -19.10
CA SER A 108 -0.08 13.22 -19.73
C SER A 108 -0.97 14.16 -18.92
N GLY A 109 -1.74 13.61 -18.00
CA GLY A 109 -2.64 14.41 -17.19
C GLY A 109 -3.90 14.77 -17.94
N ASN A 110 -3.97 14.35 -19.21
CA ASN A 110 -5.12 14.64 -20.06
C ASN A 110 -6.35 13.84 -19.67
N TYR A 111 -6.13 12.60 -19.23
CA TYR A 111 -7.22 11.72 -18.85
C TYR A 111 -7.02 11.08 -17.49
N VAL A 112 -8.10 10.54 -16.95
CA VAL A 112 -8.11 9.85 -15.66
C VAL A 112 -9.11 8.71 -15.83
N ALA A 113 -8.90 7.62 -15.11
CA ALA A 113 -9.79 6.48 -15.22
C ALA A 113 -10.10 5.86 -13.87
N CYS A 114 -11.12 5.01 -13.84
CA CYS A 114 -11.51 4.33 -12.62
C CYS A 114 -12.41 3.15 -12.96
N GLY A 115 -12.56 2.24 -12.01
CA GLY A 115 -13.40 1.08 -12.23
C GLY A 115 -13.64 0.39 -10.90
N GLY A 116 -14.64 -0.49 -10.87
CA GLY A 116 -14.94 -1.20 -9.65
C GLY A 116 -15.93 -2.32 -9.91
N LEU A 117 -16.87 -2.49 -8.98
CA LEU A 117 -17.88 -3.53 -9.09
C LEU A 117 -18.78 -3.36 -10.31
N ASP A 118 -18.66 -2.23 -11.00
CA ASP A 118 -19.45 -1.97 -12.20
C ASP A 118 -18.89 -2.73 -13.41
N ASN A 119 -17.76 -3.41 -13.22
CA ASN A 119 -17.12 -4.20 -14.27
C ASN A 119 -16.66 -3.39 -15.49
N ILE A 120 -16.79 -2.07 -15.41
CA ILE A 120 -16.41 -1.21 -16.51
C ILE A 120 -15.29 -0.26 -16.10
N CYS A 121 -14.41 0.07 -17.05
CA CYS A 121 -13.32 0.99 -16.79
C CYS A 121 -13.72 2.32 -17.41
N SER A 122 -14.19 3.24 -16.58
CA SER A 122 -14.61 4.55 -17.04
C SER A 122 -13.42 5.49 -17.22
N ILE A 123 -13.45 6.28 -18.29
CA ILE A 123 -12.39 7.23 -18.59
C ILE A 123 -12.97 8.64 -18.68
N TYR A 124 -12.30 9.58 -18.04
CA TYR A 124 -12.74 10.97 -18.01
C TYR A 124 -11.68 11.89 -18.62
N ASN A 125 -12.15 12.94 -19.29
CA ASN A 125 -11.27 13.91 -19.94
C ASN A 125 -11.10 15.14 -19.05
N LEU A 126 -9.87 15.40 -18.61
CA LEU A 126 -9.58 16.50 -17.71
C LEU A 126 -9.25 17.84 -18.37
N LYS A 127 -8.47 17.80 -19.45
CA LYS A 127 -8.08 19.03 -20.15
C LYS A 127 -8.97 19.22 -21.38
N THR A 128 -9.90 20.17 -21.31
CA THR A 128 -10.78 20.44 -22.44
C THR A 128 -11.57 21.73 -22.31
N ARG A 129 -11.99 22.29 -23.44
CA ARG A 129 -12.82 23.49 -23.45
C ARG A 129 -14.12 23.02 -22.83
N GLU A 130 -14.54 21.82 -23.24
CA GLU A 130 -15.73 21.19 -22.72
C GLU A 130 -15.19 20.14 -21.75
N GLY A 131 -14.87 20.59 -20.54
CA GLY A 131 -14.33 19.71 -19.52
C GLY A 131 -15.21 18.49 -19.31
N ASN A 132 -14.59 17.34 -19.03
CA ASN A 132 -15.36 16.13 -18.84
C ASN A 132 -15.41 15.64 -17.40
N VAL A 133 -16.64 15.40 -16.95
CA VAL A 133 -16.91 14.94 -15.60
C VAL A 133 -17.96 13.82 -15.70
N ARG A 134 -18.50 13.64 -16.89
CA ARG A 134 -19.52 12.64 -17.15
C ARG A 134 -18.94 11.30 -17.60
N VAL A 135 -18.05 11.36 -18.61
CA VAL A 135 -17.35 10.20 -19.18
C VAL A 135 -17.04 10.43 -20.64
N SER A 136 -15.86 9.99 -21.06
CA SER A 136 -15.43 10.08 -22.44
C SER A 136 -15.73 8.70 -23.02
N ARG A 137 -15.27 7.67 -22.32
CA ARG A 137 -15.46 6.28 -22.72
C ARG A 137 -15.76 5.41 -21.51
N GLU A 138 -16.39 4.27 -21.77
CA GLU A 138 -16.72 3.30 -20.73
C GLU A 138 -16.34 1.93 -21.29
N LEU A 139 -15.14 1.48 -20.97
CA LEU A 139 -14.61 0.21 -21.44
C LEU A 139 -15.34 -0.97 -20.80
N ALA A 140 -16.37 -1.46 -21.47
CA ALA A 140 -17.16 -2.58 -20.98
C ALA A 140 -16.71 -3.87 -21.67
N GLY A 141 -16.62 -4.96 -20.91
CA GLY A 141 -16.20 -6.23 -21.48
C GLY A 141 -15.90 -7.27 -20.43
N HIS A 142 -15.15 -6.86 -19.40
CA HIS A 142 -14.79 -7.77 -18.33
C HIS A 142 -16.02 -8.32 -17.63
N THR A 143 -16.05 -9.63 -17.42
CA THR A 143 -17.17 -10.28 -16.75
C THR A 143 -16.91 -10.38 -15.25
N GLY A 144 -16.20 -9.39 -14.71
CA GLY A 144 -15.86 -9.36 -13.30
C GLY A 144 -15.43 -7.95 -12.94
N TYR A 145 -15.46 -7.63 -11.65
CA TYR A 145 -15.08 -6.30 -11.19
C TYR A 145 -13.70 -5.84 -11.68
N LEU A 146 -13.54 -4.53 -11.89
CA LEU A 146 -12.26 -4.01 -12.34
C LEU A 146 -11.42 -3.75 -11.09
N SER A 147 -10.34 -4.50 -10.95
CA SER A 147 -9.47 -4.35 -9.79
C SER A 147 -8.39 -3.29 -9.93
N CYS A 148 -7.84 -3.14 -11.13
CA CYS A 148 -6.78 -2.16 -11.35
C CYS A 148 -6.67 -1.74 -12.82
N CYS A 149 -6.09 -0.57 -13.07
CA CYS A 149 -5.90 -0.07 -14.42
C CYS A 149 -4.80 0.98 -14.44
N ARG A 150 -3.97 0.96 -15.49
CA ARG A 150 -2.87 1.91 -15.64
C ARG A 150 -2.77 2.34 -17.09
N PHE A 151 -2.74 3.64 -17.33
CA PHE A 151 -2.64 4.21 -18.67
C PHE A 151 -1.28 3.99 -19.30
N LEU A 152 -1.28 3.79 -20.61
CA LEU A 152 -0.05 3.60 -21.38
C LEU A 152 0.17 4.89 -22.16
N ASP A 153 -0.95 5.51 -22.53
CA ASP A 153 -0.97 6.77 -23.27
C ASP A 153 -2.43 7.21 -23.35
N ASP A 154 -2.70 8.26 -24.11
CA ASP A 154 -4.05 8.80 -24.27
C ASP A 154 -5.05 7.83 -24.89
N ASN A 155 -4.56 6.83 -25.62
CA ASN A 155 -5.43 5.88 -26.30
C ASN A 155 -5.40 4.44 -25.79
N GLN A 156 -4.38 4.08 -25.01
CA GLN A 156 -4.30 2.71 -24.50
C GLN A 156 -4.20 2.64 -22.98
N ILE A 157 -4.87 1.64 -22.41
CA ILE A 157 -4.88 1.42 -20.97
C ILE A 157 -5.07 -0.07 -20.69
N VAL A 158 -4.37 -0.58 -19.68
CA VAL A 158 -4.46 -1.98 -19.30
C VAL A 158 -5.30 -2.11 -18.03
N THR A 159 -6.14 -3.14 -17.96
CA THR A 159 -7.00 -3.35 -16.79
C THR A 159 -7.03 -4.80 -16.31
N SER A 160 -6.95 -4.97 -15.00
CA SER A 160 -7.01 -6.29 -14.39
C SER A 160 -8.45 -6.45 -13.91
N SER A 161 -8.92 -7.68 -13.80
CA SER A 161 -10.29 -7.90 -13.38
C SER A 161 -10.56 -9.17 -12.59
N GLY A 162 -11.69 -9.16 -11.89
CA GLY A 162 -12.10 -10.28 -11.09
C GLY A 162 -12.57 -11.46 -11.93
N ASP A 163 -12.62 -11.26 -13.25
CA ASP A 163 -13.03 -12.33 -14.15
C ASP A 163 -11.84 -13.20 -14.54
N THR A 164 -10.72 -13.03 -13.84
CA THR A 164 -9.51 -13.80 -14.08
C THR A 164 -8.67 -13.28 -15.26
N THR A 165 -9.11 -12.19 -15.86
CA THR A 165 -8.40 -11.63 -17.01
C THR A 165 -7.86 -10.20 -16.84
N CYS A 166 -6.88 -9.88 -17.68
CA CYS A 166 -6.27 -8.56 -17.75
C CYS A 166 -6.46 -8.20 -19.23
N ALA A 167 -6.46 -6.92 -19.57
CA ALA A 167 -6.67 -6.55 -20.97
C ALA A 167 -6.22 -5.15 -21.35
N LEU A 168 -5.80 -5.02 -22.61
CA LEU A 168 -5.36 -3.75 -23.18
C LEU A 168 -6.52 -3.23 -24.02
N TRP A 169 -6.90 -1.97 -23.81
CA TRP A 169 -8.01 -1.39 -24.53
C TRP A 169 -7.61 -0.21 -25.41
N ASP A 170 -8.37 0.00 -26.48
CA ASP A 170 -8.16 1.11 -27.39
C ASP A 170 -9.27 2.08 -27.02
N ILE A 171 -8.95 3.03 -26.16
CA ILE A 171 -9.90 4.02 -25.66
C ILE A 171 -10.79 4.64 -26.74
N GLU A 172 -10.20 4.99 -27.89
CA GLU A 172 -10.95 5.59 -28.99
C GLU A 172 -12.12 4.75 -29.48
N THR A 173 -11.96 3.43 -29.46
CA THR A 173 -13.00 2.53 -29.94
C THR A 173 -13.80 1.89 -28.80
N GLY A 174 -13.18 1.79 -27.63
CA GLY A 174 -13.82 1.18 -26.49
C GLY A 174 -13.71 -0.34 -26.63
N GLN A 175 -12.90 -0.77 -27.59
CA GLN A 175 -12.71 -2.19 -27.86
C GLN A 175 -11.48 -2.75 -27.13
N GLN A 176 -11.58 -4.02 -26.76
CA GLN A 176 -10.51 -4.72 -26.06
C GLN A 176 -9.52 -5.25 -27.09
N THR A 177 -8.44 -4.50 -27.31
CA THR A 177 -7.40 -4.87 -28.28
C THR A 177 -6.78 -6.23 -27.97
N THR A 178 -6.25 -6.38 -26.76
CA THR A 178 -5.62 -7.63 -26.35
C THR A 178 -6.17 -8.08 -25.00
N THR A 179 -6.36 -9.39 -24.85
CA THR A 179 -6.89 -9.96 -23.63
C THR A 179 -5.84 -10.92 -23.07
N PHE A 180 -5.30 -10.59 -21.91
CA PHE A 180 -4.27 -11.41 -21.26
C PHE A 180 -4.87 -12.48 -20.36
N THR A 181 -4.97 -13.70 -20.90
CA THR A 181 -5.50 -14.84 -20.14
C THR A 181 -4.36 -15.68 -19.61
N GLY A 182 -4.53 -16.25 -18.42
CA GLY A 182 -3.49 -17.06 -17.83
C GLY A 182 -3.75 -17.39 -16.38
N HIS A 183 -4.11 -16.36 -15.60
CA HIS A 183 -4.39 -16.57 -14.18
C HIS A 183 -5.56 -17.53 -14.02
N THR A 184 -5.62 -18.21 -12.89
CA THR A 184 -6.69 -19.15 -12.60
C THR A 184 -7.56 -18.62 -11.47
N GLY A 185 -7.48 -17.31 -11.24
CA GLY A 185 -8.26 -16.67 -10.20
C GLY A 185 -8.30 -15.17 -10.40
N ASP A 186 -9.18 -14.50 -9.66
CA ASP A 186 -9.36 -13.05 -9.74
C ASP A 186 -8.04 -12.27 -9.71
N VAL A 187 -7.78 -11.48 -10.76
CA VAL A 187 -6.57 -10.68 -10.81
C VAL A 187 -6.83 -9.51 -9.88
N MET A 188 -5.97 -9.33 -8.89
CA MET A 188 -6.14 -8.26 -7.91
C MET A 188 -5.41 -6.97 -8.22
N SER A 189 -4.25 -7.06 -8.87
CA SER A 189 -3.48 -5.87 -9.19
C SER A 189 -2.61 -6.03 -10.43
N LEU A 190 -2.09 -4.92 -10.92
CA LEU A 190 -1.22 -4.90 -12.09
C LEU A 190 -0.33 -3.67 -12.00
N SER A 191 0.85 -3.75 -12.60
CA SER A 191 1.78 -2.63 -12.59
C SER A 191 2.61 -2.64 -13.87
N LEU A 192 2.70 -1.48 -14.50
CA LEU A 192 3.44 -1.33 -15.75
C LEU A 192 4.93 -1.17 -15.52
N ALA A 193 5.71 -1.71 -16.45
CA ALA A 193 7.15 -1.59 -16.36
C ALA A 193 7.47 -0.16 -16.80
N PRO A 194 8.61 0.40 -16.37
CA PRO A 194 8.99 1.76 -16.74
C PRO A 194 8.94 2.05 -18.25
N ASP A 195 9.19 1.02 -19.06
CA ASP A 195 9.18 1.18 -20.51
C ASP A 195 7.84 0.78 -21.14
N THR A 196 6.86 0.50 -20.30
CA THR A 196 5.51 0.12 -20.72
C THR A 196 5.36 -1.03 -21.72
N ARG A 197 6.46 -1.65 -22.11
CA ARG A 197 6.42 -2.75 -23.06
C ARG A 197 5.98 -4.05 -22.37
N LEU A 198 6.13 -4.07 -21.05
CA LEU A 198 5.77 -5.22 -20.24
C LEU A 198 5.02 -4.72 -19.01
N PHE A 199 4.32 -5.61 -18.34
CA PHE A 199 3.59 -5.28 -17.12
C PHE A 199 3.34 -6.57 -16.36
N VAL A 200 3.35 -6.48 -15.04
CA VAL A 200 3.13 -7.66 -14.21
C VAL A 200 1.77 -7.57 -13.51
N SER A 201 1.21 -8.70 -13.12
CA SER A 201 -0.08 -8.72 -12.44
C SER A 201 -0.14 -9.77 -11.34
N GLY A 202 -0.82 -9.42 -10.25
CA GLY A 202 -0.97 -10.34 -9.14
C GLY A 202 -2.41 -10.81 -9.09
N ALA A 203 -2.63 -12.06 -8.74
CA ALA A 203 -3.98 -12.60 -8.68
C ALA A 203 -4.24 -13.51 -7.48
N CYS A 204 -5.49 -13.92 -7.35
CA CYS A 204 -5.92 -14.79 -6.27
C CYS A 204 -5.54 -16.26 -6.47
N ASP A 205 -4.56 -16.50 -7.34
CA ASP A 205 -4.08 -17.85 -7.61
C ASP A 205 -2.66 -17.99 -7.05
N ALA A 206 -2.28 -17.03 -6.21
CA ALA A 206 -0.96 -17.00 -5.58
C ALA A 206 0.19 -16.87 -6.58
N SER A 207 -0.10 -16.36 -7.78
CA SER A 207 0.92 -16.19 -8.78
C SER A 207 0.90 -14.81 -9.42
N ALA A 208 2.09 -14.32 -9.78
CA ALA A 208 2.24 -13.03 -10.41
C ALA A 208 2.72 -13.35 -11.83
N LYS A 209 2.09 -12.72 -12.83
CA LYS A 209 2.47 -12.98 -14.21
C LYS A 209 2.96 -11.74 -14.95
N LEU A 210 4.06 -11.90 -15.67
CA LEU A 210 4.66 -10.81 -16.45
C LEU A 210 4.15 -10.99 -17.87
N TRP A 211 3.57 -9.94 -18.44
CA TRP A 211 3.02 -10.01 -19.79
C TRP A 211 3.70 -9.02 -20.74
N ASP A 212 3.80 -9.42 -22.01
CA ASP A 212 4.39 -8.56 -23.03
C ASP A 212 3.22 -7.87 -23.71
N VAL A 213 3.05 -6.59 -23.42
CA VAL A 213 1.96 -5.80 -23.99
C VAL A 213 1.88 -5.88 -25.52
N ARG A 214 3.01 -5.67 -26.18
CA ARG A 214 3.07 -5.70 -27.64
C ARG A 214 2.78 -7.07 -28.26
N GLU A 215 3.10 -8.14 -27.53
CA GLU A 215 2.87 -9.49 -28.03
C GLU A 215 1.57 -10.10 -27.52
N GLY A 216 1.02 -9.52 -26.45
CA GLY A 216 -0.22 -10.01 -25.89
C GLY A 216 -0.16 -11.37 -25.21
N MET A 217 1.02 -11.84 -24.85
CA MET A 217 1.15 -13.14 -24.20
C MET A 217 1.93 -13.04 -22.89
N CYS A 218 1.85 -14.10 -22.08
CA CYS A 218 2.54 -14.16 -20.80
C CYS A 218 3.98 -14.58 -21.01
N ARG A 219 4.91 -13.84 -20.40
CA ARG A 219 6.33 -14.14 -20.52
C ARG A 219 6.76 -15.12 -19.44
N GLN A 220 6.59 -14.72 -18.18
CA GLN A 220 6.98 -15.55 -17.04
C GLN A 220 5.90 -15.53 -15.98
N THR A 221 5.86 -16.59 -15.17
CA THR A 221 4.89 -16.71 -14.10
C THR A 221 5.68 -16.98 -12.82
N PHE A 222 5.52 -16.11 -11.83
CA PHE A 222 6.23 -16.23 -10.56
C PHE A 222 5.31 -16.80 -9.48
N THR A 223 5.88 -17.61 -8.60
CA THR A 223 5.10 -18.22 -7.51
C THR A 223 5.89 -18.12 -6.20
N GLY A 224 5.21 -18.39 -5.09
CA GLY A 224 5.85 -18.33 -3.79
C GLY A 224 4.84 -18.10 -2.69
N HIS A 225 3.92 -17.17 -2.91
CA HIS A 225 2.90 -16.86 -1.92
C HIS A 225 1.95 -18.05 -1.84
N GLU A 226 1.48 -18.35 -0.63
CA GLU A 226 0.55 -19.46 -0.44
C GLU A 226 -0.89 -18.95 -0.38
N SER A 227 -1.07 -17.66 -0.66
CA SER A 227 -2.37 -17.04 -0.64
C SER A 227 -2.48 -16.03 -1.78
N ASP A 228 -3.67 -15.48 -1.97
CA ASP A 228 -3.95 -14.50 -3.03
C ASP A 228 -3.03 -13.29 -2.94
N ILE A 229 -2.48 -12.88 -4.09
CA ILE A 229 -1.63 -11.70 -4.13
C ILE A 229 -2.56 -10.52 -4.37
N ASN A 230 -2.64 -9.63 -3.41
CA ASN A 230 -3.53 -8.47 -3.50
C ASN A 230 -2.91 -7.28 -4.22
N ALA A 231 -1.65 -7.00 -3.94
CA ALA A 231 -0.96 -5.87 -4.54
C ALA A 231 0.34 -6.26 -5.24
N ILE A 232 0.78 -5.40 -6.16
CA ILE A 232 2.00 -5.64 -6.92
C ILE A 232 2.52 -4.30 -7.42
N CYS A 233 3.84 -4.11 -7.36
CA CYS A 233 4.45 -2.87 -7.80
C CYS A 233 5.79 -3.13 -8.47
N PHE A 234 5.99 -2.54 -9.64
CA PHE A 234 7.22 -2.72 -10.40
C PHE A 234 8.37 -1.91 -9.80
N PHE A 235 9.57 -2.48 -9.87
CA PHE A 235 10.76 -1.81 -9.35
C PHE A 235 11.23 -0.82 -10.42
N PRO A 236 11.75 0.35 -10.00
CA PRO A 236 12.23 1.41 -10.91
C PRO A 236 13.08 0.99 -12.10
N ASN A 237 13.96 0.00 -11.94
CA ASN A 237 14.80 -0.45 -13.05
C ASN A 237 14.12 -1.45 -13.97
N GLY A 238 12.91 -1.86 -13.60
CA GLY A 238 12.15 -2.81 -14.42
C GLY A 238 12.62 -4.25 -14.41
N ASN A 239 13.66 -4.56 -13.65
CA ASN A 239 14.19 -5.92 -13.59
C ASN A 239 13.58 -6.74 -12.46
N ALA A 240 12.67 -6.14 -11.71
CA ALA A 240 12.04 -6.81 -10.58
C ALA A 240 10.76 -6.10 -10.15
N PHE A 241 10.10 -6.64 -9.12
CA PHE A 241 8.87 -6.06 -8.60
C PHE A 241 8.54 -6.65 -7.22
N ALA A 242 7.72 -5.95 -6.46
CA ALA A 242 7.32 -6.40 -5.12
C ALA A 242 5.84 -6.77 -5.12
N THR A 243 5.50 -7.78 -4.33
CA THR A 243 4.13 -8.25 -4.23
C THR A 243 3.69 -8.32 -2.77
N GLY A 244 2.38 -8.19 -2.54
CA GLY A 244 1.83 -8.27 -1.21
C GLY A 244 0.63 -9.19 -1.26
N SER A 245 0.55 -10.13 -0.32
CA SER A 245 -0.57 -11.06 -0.32
C SER A 245 -1.16 -11.31 1.06
N ASP A 246 -2.19 -12.15 1.10
CA ASP A 246 -2.89 -12.49 2.33
C ASP A 246 -2.03 -13.18 3.39
N ASP A 247 -0.98 -13.87 2.95
CA ASP A 247 -0.10 -14.57 3.89
C ASP A 247 0.80 -13.63 4.70
N ALA A 248 0.49 -12.34 4.67
CA ALA A 248 1.24 -11.32 5.41
C ALA A 248 2.72 -11.22 5.03
N THR A 249 3.05 -11.42 3.75
CA THR A 249 4.43 -11.33 3.33
C THR A 249 4.59 -10.58 2.01
N CYS A 250 5.58 -9.70 1.96
CA CYS A 250 5.88 -8.95 0.75
C CYS A 250 7.02 -9.72 0.12
N ARG A 251 6.96 -9.94 -1.19
CA ARG A 251 8.02 -10.68 -1.86
C ARG A 251 8.60 -9.89 -3.00
N LEU A 252 9.91 -10.01 -3.19
CA LEU A 252 10.61 -9.31 -4.25
C LEU A 252 10.98 -10.33 -5.31
N PHE A 253 10.38 -10.21 -6.49
CA PHE A 253 10.65 -11.13 -7.60
C PHE A 253 11.52 -10.45 -8.65
N ASP A 254 12.56 -11.15 -9.09
CA ASP A 254 13.45 -10.63 -10.13
C ASP A 254 13.12 -11.35 -11.43
N LEU A 255 12.98 -10.58 -12.50
CA LEU A 255 12.67 -11.14 -13.81
C LEU A 255 13.67 -12.17 -14.30
N ARG A 256 14.94 -11.78 -14.42
CA ARG A 256 15.98 -12.68 -14.89
C ARG A 256 16.08 -13.97 -14.07
N ALA A 257 15.95 -13.85 -12.76
CA ALA A 257 16.02 -15.01 -11.87
C ALA A 257 14.71 -15.81 -11.89
N ASP A 258 13.63 -15.17 -12.33
CA ASP A 258 12.32 -15.80 -12.41
C ASP A 258 11.87 -16.33 -11.04
N GLN A 259 12.33 -15.68 -9.97
CA GLN A 259 11.99 -16.10 -8.62
C GLN A 259 12.20 -14.99 -7.60
N GLU A 260 11.76 -15.25 -6.38
CA GLU A 260 11.88 -14.30 -5.27
C GLU A 260 13.28 -14.19 -4.70
N LEU A 261 13.79 -12.97 -4.62
CA LEU A 261 15.11 -12.70 -4.07
C LEU A 261 15.02 -12.48 -2.57
N MET A 262 13.86 -12.00 -2.11
CA MET A 262 13.66 -11.73 -0.69
C MET A 262 12.19 -11.81 -0.31
N THR A 263 11.95 -12.08 0.97
CA THR A 263 10.61 -12.18 1.53
C THR A 263 10.59 -11.23 2.73
N TYR A 264 9.48 -10.55 2.96
CA TYR A 264 9.37 -9.60 4.06
C TYR A 264 8.18 -9.96 4.96
N SER A 265 8.48 -10.24 6.23
CA SER A 265 7.45 -10.60 7.20
C SER A 265 8.02 -10.58 8.62
N HIS A 266 7.17 -10.89 9.59
CA HIS A 266 7.58 -10.94 10.99
C HIS A 266 6.44 -11.61 11.73
N ASP A 267 6.77 -12.42 12.74
CA ASP A 267 5.78 -13.15 13.52
C ASP A 267 4.57 -12.35 14.02
N ASN A 268 4.77 -11.08 14.31
CA ASN A 268 3.68 -10.25 14.81
C ASN A 268 2.72 -9.86 13.68
N ILE A 269 3.21 -9.85 12.46
CA ILE A 269 2.40 -9.49 11.30
C ILE A 269 1.49 -10.66 10.91
N ILE A 270 0.19 -10.42 10.97
CA ILE A 270 -0.80 -11.44 10.63
C ILE A 270 -1.82 -10.97 9.60
N CYS A 271 -1.84 -9.66 9.33
CA CYS A 271 -2.78 -9.09 8.37
C CYS A 271 -2.26 -9.19 6.94
N GLY A 272 -3.17 -9.43 6.00
CA GLY A 272 -2.79 -9.52 4.61
C GLY A 272 -2.39 -8.17 4.04
N ILE A 273 -1.39 -8.16 3.17
CA ILE A 273 -0.91 -6.94 2.56
C ILE A 273 -1.76 -6.61 1.33
N THR A 274 -2.17 -5.34 1.22
CA THR A 274 -3.00 -4.90 0.11
C THR A 274 -2.38 -3.77 -0.72
N SER A 275 -1.36 -3.12 -0.18
CA SER A 275 -0.71 -2.02 -0.89
C SER A 275 0.81 -2.16 -0.78
N VAL A 276 1.50 -1.92 -1.89
CA VAL A 276 2.96 -2.01 -1.91
C VAL A 276 3.50 -0.94 -2.86
N SER A 277 4.54 -0.24 -2.42
CA SER A 277 5.15 0.81 -3.22
C SER A 277 6.62 0.96 -2.85
N PHE A 278 7.46 1.19 -3.85
CA PHE A 278 8.89 1.37 -3.64
C PHE A 278 9.19 2.84 -3.56
N SER A 279 10.34 3.19 -2.98
CA SER A 279 10.75 4.58 -2.90
C SER A 279 11.46 4.87 -4.23
N LYS A 280 11.93 6.09 -4.43
CA LYS A 280 12.61 6.44 -5.68
C LYS A 280 13.81 5.53 -5.93
N SER A 281 14.68 5.41 -4.93
CA SER A 281 15.86 4.57 -5.06
C SER A 281 15.54 3.10 -4.91
N GLY A 282 14.30 2.80 -4.50
CA GLY A 282 13.89 1.43 -4.32
C GLY A 282 14.44 0.84 -3.03
N ARG A 283 14.99 1.69 -2.17
CA ARG A 283 15.54 1.26 -0.91
C ARG A 283 14.45 0.88 0.09
N LEU A 284 13.30 1.53 -0.01
CA LEU A 284 12.20 1.28 0.91
C LEU A 284 11.00 0.67 0.22
N LEU A 285 10.43 -0.35 0.85
CA LEU A 285 9.25 -1.03 0.33
C LEU A 285 8.12 -0.78 1.32
N LEU A 286 7.28 0.20 1.02
CA LEU A 286 6.16 0.53 1.89
C LEU A 286 5.02 -0.43 1.63
N ALA A 287 4.50 -1.03 2.69
CA ALA A 287 3.40 -1.98 2.55
C ALA A 287 2.22 -1.64 3.45
N GLY A 288 1.05 -1.51 2.84
CA GLY A 288 -0.16 -1.21 3.57
C GLY A 288 -0.86 -2.53 3.85
N TYR A 289 -1.22 -2.76 5.11
CA TYR A 289 -1.86 -4.00 5.51
C TYR A 289 -3.37 -3.85 5.69
N ASP A 290 -4.05 -4.99 5.75
CA ASP A 290 -5.50 -5.02 5.90
C ASP A 290 -6.01 -4.39 7.20
N ASP A 291 -5.11 -4.18 8.16
CA ASP A 291 -5.48 -3.56 9.43
C ASP A 291 -5.31 -2.04 9.38
N PHE A 292 -5.24 -1.51 8.16
CA PHE A 292 -5.07 -0.07 7.93
C PHE A 292 -3.75 0.50 8.44
N ASN A 293 -2.73 -0.36 8.53
CA ASN A 293 -1.41 0.06 8.98
C ASN A 293 -0.44 0.03 7.82
N CYS A 294 0.72 0.67 7.99
CA CYS A 294 1.72 0.71 6.93
C CYS A 294 3.12 0.56 7.52
N ASN A 295 3.89 -0.35 6.94
CA ASN A 295 5.26 -0.61 7.39
C ASN A 295 6.23 -0.23 6.28
N VAL A 296 7.26 0.53 6.65
CA VAL A 296 8.28 0.95 5.68
C VAL A 296 9.42 -0.07 5.78
N TRP A 297 9.46 -0.99 4.83
CA TRP A 297 10.50 -2.02 4.80
C TRP A 297 11.80 -1.55 4.16
N ASP A 298 12.89 -2.19 4.54
CA ASP A 298 14.20 -1.91 3.99
C ASP A 298 14.40 -3.02 2.97
N ALA A 299 14.12 -2.70 1.71
CA ALA A 299 14.23 -3.67 0.62
C ALA A 299 15.51 -4.50 0.65
N LEU A 300 16.62 -3.86 1.01
CA LEU A 300 17.90 -4.56 1.06
C LEU A 300 18.07 -5.50 2.26
N LYS A 301 17.98 -4.97 3.46
CA LYS A 301 18.17 -5.78 4.66
C LYS A 301 16.98 -6.61 5.14
N ALA A 302 15.85 -6.51 4.43
CA ALA A 302 14.65 -7.27 4.77
C ALA A 302 14.06 -6.96 6.14
N ASP A 303 14.59 -5.93 6.81
CA ASP A 303 14.10 -5.51 8.12
C ASP A 303 13.23 -4.28 7.88
N ARG A 304 12.34 -3.96 8.80
CA ARG A 304 11.51 -2.78 8.60
C ARG A 304 12.25 -1.54 9.12
N ALA A 305 12.33 -0.53 8.26
CA ALA A 305 13.03 0.71 8.57
C ALA A 305 12.19 1.68 9.41
N GLY A 306 10.88 1.56 9.34
CA GLY A 306 10.02 2.44 10.10
C GLY A 306 8.55 2.16 9.92
N VAL A 307 7.71 2.99 10.52
CA VAL A 307 6.27 2.85 10.45
C VAL A 307 5.65 4.11 9.85
N LEU A 308 4.86 3.94 8.79
CA LEU A 308 4.22 5.10 8.18
C LEU A 308 2.87 5.27 8.88
N ALA A 309 2.57 6.50 9.28
CA ALA A 309 1.32 6.83 9.96
C ALA A 309 1.23 6.25 11.38
N GLY A 310 2.39 6.00 11.98
CA GLY A 310 2.45 5.48 13.34
C GLY A 310 1.43 4.43 13.77
N HIS A 311 1.01 3.57 12.85
CA HIS A 311 0.03 2.53 13.15
C HIS A 311 -1.31 3.06 13.67
N ASP A 312 -1.75 4.19 13.13
CA ASP A 312 -3.03 4.78 13.56
C ASP A 312 -4.26 4.09 12.99
N ASN A 313 -4.06 2.93 12.34
CA ASN A 313 -5.15 2.17 11.73
C ASN A 313 -6.00 3.02 10.79
N ARG A 314 -5.34 3.83 9.97
CA ARG A 314 -6.04 4.72 9.06
C ARG A 314 -5.43 4.84 7.66
N VAL A 315 -4.94 3.72 7.12
CA VAL A 315 -4.36 3.71 5.78
C VAL A 315 -5.07 2.71 4.89
N SER A 316 -5.92 3.22 3.99
CA SER A 316 -6.65 2.36 3.07
C SER A 316 -5.90 2.16 1.76
N CYS A 317 -5.06 3.13 1.40
CA CYS A 317 -4.27 3.08 0.17
C CYS A 317 -3.06 4.00 0.30
N LEU A 318 -2.10 3.87 -0.61
CA LEU A 318 -0.88 4.68 -0.57
C LEU A 318 -0.16 4.66 -1.92
N GLY A 319 0.70 5.66 -2.15
CA GLY A 319 1.44 5.73 -3.40
C GLY A 319 2.58 6.73 -3.29
N VAL A 320 3.68 6.46 -3.99
CA VAL A 320 4.86 7.34 -3.97
C VAL A 320 4.93 8.19 -5.25
N THR A 321 5.38 9.43 -5.09
CA THR A 321 5.51 10.36 -6.20
C THR A 321 6.69 9.93 -7.09
N ASP A 322 6.62 10.22 -8.37
CA ASP A 322 7.69 9.84 -9.30
C ASP A 322 9.04 10.42 -8.91
N ASP A 323 9.04 11.59 -8.28
CA ASP A 323 10.28 12.21 -7.86
C ASP A 323 10.72 11.73 -6.47
N GLY A 324 9.91 10.85 -5.89
CA GLY A 324 10.20 10.30 -4.57
C GLY A 324 10.19 11.31 -3.44
N MET A 325 9.60 12.48 -3.70
CA MET A 325 9.54 13.53 -2.71
C MET A 325 8.41 13.40 -1.70
N ALA A 326 7.50 12.44 -1.90
CA ALA A 326 6.39 12.28 -0.98
C ALA A 326 5.58 10.99 -1.16
N VAL A 327 4.84 10.65 -0.11
CA VAL A 327 3.99 9.47 -0.07
C VAL A 327 2.60 9.97 0.27
N ALA A 328 1.60 9.55 -0.49
CA ALA A 328 0.22 9.97 -0.21
C ALA A 328 -0.54 8.78 0.34
N THR A 329 -1.38 9.04 1.33
CA THR A 329 -2.18 7.99 1.95
C THR A 329 -3.64 8.38 2.02
N GLY A 330 -4.51 7.39 1.83
CA GLY A 330 -5.94 7.64 1.90
C GLY A 330 -6.45 6.90 3.13
N SER A 331 -7.65 7.24 3.58
CA SER A 331 -8.21 6.60 4.75
C SER A 331 -9.72 6.40 4.67
N TRP A 332 -10.24 5.61 5.60
CA TRP A 332 -11.66 5.33 5.68
C TRP A 332 -12.45 6.57 6.13
N ASP A 333 -11.75 7.54 6.70
CA ASP A 333 -12.38 8.77 7.18
C ASP A 333 -12.43 9.91 6.16
N SER A 334 -12.33 9.55 4.88
CA SER A 334 -12.39 10.49 3.76
C SER A 334 -11.19 11.42 3.54
N PHE A 335 -10.24 11.45 4.47
CA PHE A 335 -9.08 12.33 4.33
C PHE A 335 -7.85 11.67 3.73
N LEU A 336 -7.03 12.46 3.05
CA LEU A 336 -5.79 11.99 2.44
C LEU A 336 -4.67 12.84 3.02
N LYS A 337 -3.49 12.26 3.18
CA LYS A 337 -2.35 12.97 3.73
C LYS A 337 -1.10 12.76 2.90
N ILE A 338 -0.26 13.78 2.84
CA ILE A 338 0.99 13.71 2.10
C ILE A 338 2.09 13.65 3.17
N TRP A 339 3.01 12.71 3.01
CA TRP A 339 4.09 12.52 3.99
C TRP A 339 5.47 12.58 3.33
N ASN A 340 6.47 13.03 4.09
CA ASN A 340 7.86 13.11 3.65
C ASN A 340 8.76 13.71 4.73
N PRO B 1 -4.81 -14.28 -28.18
CA PRO B 1 -4.58 -12.88 -27.75
C PRO B 1 -5.89 -12.18 -27.39
N VAL B 2 -6.79 -12.01 -28.36
CA VAL B 2 -8.08 -11.39 -28.09
C VAL B 2 -9.05 -12.52 -27.71
N ILE B 3 -8.80 -13.12 -26.55
CA ILE B 3 -9.59 -14.25 -26.07
C ILE B 3 -10.73 -13.90 -25.10
N ASN B 4 -11.86 -14.57 -25.27
CA ASN B 4 -13.02 -14.40 -24.38
C ASN B 4 -13.00 -15.64 -23.48
N ILE B 5 -12.66 -15.41 -22.21
CA ILE B 5 -12.52 -16.46 -21.20
C ILE B 5 -13.65 -17.49 -21.02
N GLU B 6 -14.87 -17.02 -20.78
CA GLU B 6 -16.03 -17.87 -20.54
C GLU B 6 -16.34 -18.92 -21.62
N ASP B 7 -15.65 -18.85 -22.76
CA ASP B 7 -15.89 -19.78 -23.86
C ASP B 7 -14.88 -20.93 -23.98
N LEU B 8 -13.80 -20.86 -23.22
CA LEU B 8 -12.78 -21.90 -23.27
C LEU B 8 -13.23 -23.16 -22.54
N THR B 9 -12.70 -24.29 -22.98
CA THR B 9 -13.01 -25.60 -22.40
C THR B 9 -11.89 -26.00 -21.46
N GLU B 10 -12.16 -27.00 -20.61
CA GLU B 10 -11.17 -27.49 -19.67
C GLU B 10 -9.92 -27.92 -20.45
N LYS B 11 -10.14 -28.50 -21.62
CA LYS B 11 -9.04 -28.97 -22.47
C LYS B 11 -8.11 -27.88 -23.00
N ASP B 12 -8.62 -26.99 -23.85
CA ASP B 12 -7.78 -25.94 -24.42
C ASP B 12 -7.25 -24.93 -23.40
N LYS B 13 -7.70 -25.03 -22.16
CA LYS B 13 -7.20 -24.16 -21.10
C LYS B 13 -5.90 -24.82 -20.67
N LEU B 14 -5.94 -26.15 -20.55
CA LEU B 14 -4.78 -26.93 -20.17
C LEU B 14 -3.78 -26.90 -21.31
N LYS B 15 -4.29 -26.82 -22.54
CA LYS B 15 -3.44 -26.75 -23.73
C LYS B 15 -2.64 -25.45 -23.69
N MET B 16 -3.33 -24.34 -23.43
CA MET B 16 -2.68 -23.04 -23.36
C MET B 16 -1.73 -23.03 -22.17
N GLU B 17 -2.08 -23.75 -21.12
CA GLU B 17 -1.24 -23.83 -19.93
C GLU B 17 0.06 -24.55 -20.26
N VAL B 18 -0.04 -25.75 -20.84
CA VAL B 18 1.15 -26.53 -21.19
C VAL B 18 1.99 -25.79 -22.22
N ASP B 19 1.34 -25.09 -23.15
CA ASP B 19 2.07 -24.33 -24.16
C ASP B 19 2.90 -23.25 -23.48
N GLN B 20 2.28 -22.57 -22.52
CA GLN B 20 2.93 -21.52 -21.76
C GLN B 20 4.07 -22.10 -20.93
N LEU B 21 3.80 -23.23 -20.29
CA LEU B 21 4.79 -23.91 -19.46
C LEU B 21 5.99 -24.35 -20.28
N LYS B 22 5.75 -24.91 -21.47
CA LYS B 22 6.83 -25.35 -22.35
C LYS B 22 7.74 -24.16 -22.60
N LYS B 23 7.13 -23.02 -22.93
CA LYS B 23 7.84 -21.79 -23.20
C LYS B 23 8.61 -21.32 -21.96
N GLU B 24 8.03 -21.53 -20.78
CA GLU B 24 8.68 -21.14 -19.54
C GLU B 24 9.85 -22.04 -19.14
N VAL B 25 9.80 -23.29 -19.55
CA VAL B 25 10.87 -24.23 -19.23
C VAL B 25 12.15 -23.83 -19.95
N THR B 26 12.01 -23.23 -21.13
CA THR B 26 13.15 -22.81 -21.92
C THR B 26 13.74 -21.46 -21.48
N LEU B 27 13.25 -20.93 -20.37
CA LEU B 27 13.73 -19.64 -19.86
C LEU B 27 15.17 -19.64 -19.35
N GLU B 28 15.93 -18.68 -19.83
CA GLU B 28 17.33 -18.51 -19.43
C GLU B 28 17.32 -17.83 -18.06
N ARG B 29 17.34 -18.63 -17.01
CA ARG B 29 17.32 -18.11 -15.65
C ARG B 29 18.70 -17.70 -15.13
N MET B 30 18.76 -16.52 -14.52
CA MET B 30 19.99 -15.98 -13.97
C MET B 30 20.13 -16.42 -12.51
N LEU B 31 21.38 -16.52 -12.05
CA LEU B 31 21.65 -16.94 -10.68
C LEU B 31 21.13 -15.88 -9.70
N VAL B 32 20.42 -16.33 -8.67
CA VAL B 32 19.85 -15.44 -7.66
C VAL B 32 20.87 -14.49 -7.06
N SER B 33 22.02 -15.03 -6.63
CA SER B 33 23.07 -14.21 -6.04
C SER B 33 23.46 -13.06 -6.96
N LYS B 34 23.64 -13.37 -8.25
CA LYS B 34 24.00 -12.37 -9.25
C LYS B 34 22.95 -11.26 -9.29
N CYS B 35 21.68 -11.66 -9.38
CA CYS B 35 20.57 -10.71 -9.43
C CYS B 35 20.55 -9.85 -8.17
N CYS B 36 20.79 -10.46 -7.02
CA CYS B 36 20.80 -9.75 -5.75
C CYS B 36 21.92 -8.71 -5.73
N GLU B 37 23.06 -9.07 -6.32
CA GLU B 37 24.21 -8.16 -6.39
C GLU B 37 23.80 -6.92 -7.18
N GLU B 38 23.23 -7.13 -8.36
CA GLU B 38 22.81 -6.05 -9.24
C GLU B 38 21.73 -5.19 -8.58
N PHE B 39 20.84 -5.83 -7.82
CA PHE B 39 19.77 -5.13 -7.13
C PHE B 39 20.39 -4.21 -6.08
N ARG B 40 21.28 -4.77 -5.28
CA ARG B 40 21.98 -4.04 -4.23
C ARG B 40 22.72 -2.83 -4.80
N ASP B 41 23.50 -3.08 -5.86
CA ASP B 41 24.27 -2.03 -6.51
C ASP B 41 23.37 -0.90 -6.99
N TYR B 42 22.30 -1.23 -7.70
CA TYR B 42 21.37 -0.23 -8.21
C TYR B 42 20.85 0.65 -7.08
N VAL B 43 20.33 0.01 -6.04
CA VAL B 43 19.78 0.72 -4.89
C VAL B 43 20.84 1.61 -4.22
N GLU B 44 21.96 1.00 -3.83
CA GLU B 44 23.04 1.73 -3.17
C GLU B 44 23.52 2.96 -3.94
N GLU B 45 23.55 2.85 -5.26
CA GLU B 45 23.99 3.97 -6.10
C GLU B 45 23.05 5.17 -5.98
N ARG B 46 21.78 4.91 -5.72
CA ARG B 46 20.79 5.97 -5.62
C ARG B 46 20.17 6.21 -4.25
N SER B 47 20.44 5.32 -3.30
CA SER B 47 19.88 5.44 -1.95
C SER B 47 20.25 6.74 -1.25
N GLY B 48 21.46 7.23 -1.50
CA GLY B 48 21.91 8.47 -0.88
C GLY B 48 21.20 9.73 -1.34
N GLU B 49 20.47 9.65 -2.45
CA GLU B 49 19.75 10.81 -2.97
C GLU B 49 18.24 10.67 -2.75
N ASP B 50 17.81 9.50 -2.30
CA ASP B 50 16.40 9.22 -2.06
C ASP B 50 15.83 10.14 -0.97
N PRO B 51 14.89 11.01 -1.34
CA PRO B 51 14.25 11.95 -0.41
C PRO B 51 13.62 11.28 0.80
N LEU B 52 12.91 10.17 0.57
CA LEU B 52 12.25 9.45 1.65
C LEU B 52 13.18 8.72 2.61
N VAL B 53 14.44 8.52 2.21
CA VAL B 53 15.41 7.84 3.06
C VAL B 53 16.28 8.85 3.79
N LYS B 54 16.85 9.79 3.04
CA LYS B 54 17.73 10.81 3.61
C LYS B 54 16.94 11.92 4.30
N GLY B 55 15.75 12.19 3.80
CA GLY B 55 14.94 13.25 4.37
C GLY B 55 15.01 14.46 3.46
N ILE B 56 14.00 15.32 3.52
CA ILE B 56 13.98 16.50 2.66
C ILE B 56 14.15 17.78 3.48
N PRO B 57 15.18 18.56 3.17
CA PRO B 57 15.44 19.82 3.90
C PRO B 57 14.24 20.74 3.66
N GLU B 58 13.76 21.38 4.74
CA GLU B 58 12.62 22.29 4.63
C GLU B 58 12.80 23.29 3.49
N ASP B 59 14.06 23.63 3.20
CA ASP B 59 14.39 24.57 2.14
C ASP B 59 13.86 24.13 0.77
N LYS B 60 14.09 22.86 0.42
CA LYS B 60 13.67 22.34 -0.87
C LYS B 60 12.44 21.44 -0.83
N ASN B 61 11.78 21.33 0.33
CA ASN B 61 10.60 20.49 0.44
C ASN B 61 9.40 21.17 -0.22
N PRO B 62 8.93 20.62 -1.34
CA PRO B 62 7.79 21.16 -2.09
C PRO B 62 6.55 21.38 -1.22
N PHE B 63 6.45 20.61 -0.15
CA PHE B 63 5.32 20.70 0.76
C PHE B 63 5.72 21.53 1.98
N LYS B 64 5.80 22.83 1.73
CA LYS B 64 6.18 23.83 2.74
C LYS B 64 5.22 23.77 3.94
N GLU B 65 5.69 24.34 5.05
CA GLU B 65 4.93 24.42 6.32
C GLU B 65 3.42 24.54 6.13
N PHE C 13 -10.25 -8.72 12.24
CA PHE C 13 -9.51 -8.74 10.95
C PHE C 13 -8.96 -10.17 10.87
N GLU C 14 -7.64 -10.35 10.78
CA GLU C 14 -7.00 -11.68 10.69
C GLU C 14 -7.45 -12.62 9.58
N GLY C 15 -6.59 -12.79 8.57
CA GLY C 15 -6.93 -13.70 7.50
C GLY C 15 -6.90 -13.12 6.11
N GLN C 16 -8.05 -13.17 5.44
CA GLN C 16 -8.15 -12.67 4.09
C GLN C 16 -8.50 -11.18 4.11
N ALA C 17 -7.88 -10.43 3.20
CA ALA C 17 -8.13 -9.01 3.10
C ALA C 17 -9.61 -8.77 2.85
N SER C 18 -10.18 -7.84 3.60
CA SER C 18 -11.60 -7.53 3.47
C SER C 18 -11.89 -6.12 3.95
N HIS C 19 -10.84 -5.32 4.09
CA HIS C 19 -10.99 -3.95 4.58
C HIS C 19 -10.34 -2.93 3.67
N THR C 20 -9.39 -3.36 2.85
CA THR C 20 -8.70 -2.45 1.95
C THR C 20 -8.64 -2.96 0.52
N GLY C 21 -8.42 -2.04 -0.41
CA GLY C 21 -8.32 -2.39 -1.81
C GLY C 21 -9.57 -3.02 -2.38
N PRO C 22 -9.46 -3.79 -3.48
CA PRO C 22 -10.57 -4.47 -4.15
C PRO C 22 -11.43 -5.28 -3.19
N LYS C 23 -10.80 -6.13 -2.40
CA LYS C 23 -11.52 -6.96 -1.44
C LYS C 23 -12.26 -6.11 -0.42
N GLY C 24 -11.67 -4.96 -0.06
CA GLY C 24 -12.31 -4.09 0.89
C GLY C 24 -13.61 -3.59 0.30
N VAL C 25 -13.57 -3.23 -0.98
CA VAL C 25 -14.74 -2.74 -1.70
C VAL C 25 -15.81 -3.83 -1.74
N ILE C 26 -15.39 -5.05 -2.06
CA ILE C 26 -16.29 -6.21 -2.14
C ILE C 26 -17.05 -6.40 -0.83
N ASN C 27 -16.30 -6.49 0.26
CA ASN C 27 -16.91 -6.70 1.58
C ASN C 27 -17.79 -5.53 1.99
N ASP C 28 -17.37 -4.31 1.69
CA ASP C 28 -18.16 -3.12 2.04
C ASP C 28 -19.49 -3.17 1.33
N TRP C 29 -19.47 -3.55 0.06
CA TRP C 29 -20.68 -3.67 -0.73
C TRP C 29 -21.62 -4.70 -0.10
N ARG C 30 -21.04 -5.83 0.33
CA ARG C 30 -21.81 -6.88 0.96
C ARG C 30 -22.50 -6.37 2.23
N LYS C 31 -21.72 -5.74 3.10
CA LYS C 31 -22.23 -5.19 4.35
C LYS C 31 -23.33 -4.17 4.08
N PHE C 32 -23.20 -3.44 2.98
CA PHE C 32 -24.22 -2.47 2.61
C PHE C 32 -25.53 -3.19 2.36
N LYS C 33 -25.49 -4.17 1.46
CA LYS C 33 -26.69 -4.94 1.12
C LYS C 33 -27.07 -5.97 2.20
N LEU C 34 -26.51 -5.81 3.39
CA LEU C 34 -26.80 -6.69 4.51
C LEU C 34 -27.29 -5.88 5.71
N GLU C 35 -26.97 -4.59 5.71
CA GLU C 35 -27.38 -3.70 6.80
C GLU C 35 -28.67 -2.96 6.46
N SER C 36 -28.82 -2.57 5.21
CA SER C 36 -30.00 -1.83 4.78
C SER C 36 -31.07 -2.72 4.14
N GLU C 37 -30.61 -3.68 3.35
CA GLU C 37 -31.49 -4.61 2.64
C GLU C 37 -31.38 -5.99 3.29
N PHE C 68 -12.07 -18.49 -2.75
CA PHE C 68 -10.91 -19.36 -3.09
C PHE C 68 -10.09 -18.65 -4.14
N SER C 69 -10.35 -18.97 -5.41
CA SER C 69 -9.66 -18.34 -6.53
C SER C 69 -10.52 -17.16 -6.95
N ARG C 70 -11.84 -17.34 -6.82
CA ARG C 70 -12.81 -16.32 -7.15
C ARG C 70 -13.30 -15.75 -5.82
N LYS C 71 -13.59 -14.44 -5.78
CA LYS C 71 -14.05 -13.81 -4.56
C LYS C 71 -15.54 -13.54 -4.52
N MET C 72 -16.13 -13.26 -5.67
CA MET C 72 -17.56 -12.99 -5.74
C MET C 72 -18.32 -14.12 -6.43
N SER C 73 -19.53 -14.37 -5.96
CA SER C 73 -20.37 -15.42 -6.52
C SER C 73 -21.13 -14.86 -7.73
N VAL C 74 -21.53 -15.75 -8.63
CA VAL C 74 -22.26 -15.35 -9.82
C VAL C 74 -23.54 -14.63 -9.39
N GLN C 75 -24.16 -15.11 -8.32
CA GLN C 75 -25.38 -14.52 -7.80
C GLN C 75 -25.13 -13.06 -7.41
N GLU C 76 -24.03 -12.82 -6.70
CA GLU C 76 -23.67 -11.47 -6.28
C GLU C 76 -23.43 -10.56 -7.47
N TYR C 77 -22.81 -11.09 -8.51
CA TYR C 77 -22.54 -10.32 -9.72
C TYR C 77 -23.84 -9.88 -10.38
N GLU C 78 -24.74 -10.84 -10.57
CA GLU C 78 -26.04 -10.56 -11.18
C GLU C 78 -26.77 -9.49 -10.37
N LEU C 79 -26.65 -9.58 -9.05
CA LEU C 79 -27.29 -8.63 -8.15
C LEU C 79 -26.82 -7.20 -8.39
N ILE C 80 -25.51 -7.01 -8.55
CA ILE C 80 -24.97 -5.67 -8.78
C ILE C 80 -25.55 -5.12 -10.08
N HIS C 81 -25.79 -6.00 -11.04
CA HIS C 81 -26.32 -5.62 -12.34
C HIS C 81 -27.85 -5.68 -12.33
N LYS C 82 -28.47 -5.71 -11.14
CA LYS C 82 -29.92 -5.79 -11.05
C LYS C 82 -30.51 -4.91 -9.93
N ASP C 83 -29.71 -4.62 -8.90
CA ASP C 83 -30.16 -3.81 -7.79
C ASP C 83 -29.92 -2.31 -7.99
N LYS C 84 -30.96 -1.52 -7.77
CA LYS C 84 -30.89 -0.07 -7.90
C LYS C 84 -30.70 0.50 -6.49
N GLU C 85 -29.45 0.78 -6.14
CA GLU C 85 -29.11 1.29 -4.82
C GLU C 85 -29.70 2.67 -4.51
N ASP C 86 -30.42 2.74 -3.39
CA ASP C 86 -31.03 3.99 -2.94
C ASP C 86 -29.97 4.93 -2.38
N GLU C 87 -29.83 6.09 -3.02
CA GLU C 87 -28.86 7.09 -2.62
C GLU C 87 -28.86 7.40 -1.13
N ASN C 88 -30.06 7.50 -0.54
CA ASN C 88 -30.18 7.81 0.88
C ASN C 88 -29.47 6.75 1.73
N CYS C 89 -29.70 5.48 1.40
CA CYS C 89 -29.07 4.39 2.15
C CYS C 89 -27.56 4.49 2.00
N LEU C 90 -27.11 4.92 0.83
CA LEU C 90 -25.69 5.09 0.56
C LEU C 90 -25.10 6.11 1.53
N ARG C 91 -25.79 7.24 1.70
CA ARG C 91 -25.33 8.28 2.60
C ARG C 91 -25.20 7.72 4.01
N LYS C 92 -26.28 7.12 4.51
CA LYS C 92 -26.29 6.53 5.85
C LYS C 92 -25.18 5.51 6.03
N TYR C 93 -24.92 4.71 5.00
CA TYR C 93 -23.88 3.69 5.05
C TYR C 93 -22.50 4.32 5.22
N ARG C 94 -22.17 5.23 4.32
CA ARG C 94 -20.87 5.91 4.34
C ARG C 94 -20.62 6.52 5.71
N ARG C 95 -21.66 7.16 6.25
CA ARG C 95 -21.61 7.81 7.55
C ARG C 95 -21.39 6.79 8.67
N GLN C 96 -22.21 5.76 8.70
CA GLN C 96 -22.13 4.71 9.71
C GLN C 96 -20.80 3.97 9.70
N CYS C 97 -20.26 3.70 8.51
CA CYS C 97 -18.98 3.00 8.38
C CYS C 97 -17.85 3.75 9.07
N MET C 98 -17.74 5.04 8.82
CA MET C 98 -16.70 5.85 9.44
C MET C 98 -16.90 5.87 10.95
N GLN C 99 -18.16 5.89 11.38
CA GLN C 99 -18.46 5.90 12.80
C GLN C 99 -18.08 4.58 13.47
N ASP C 100 -18.31 3.47 12.77
CA ASP C 100 -17.99 2.15 13.30
C ASP C 100 -16.49 2.07 13.56
N MET C 101 -15.70 2.51 12.59
CA MET C 101 -14.24 2.50 12.73
C MET C 101 -13.83 3.45 13.83
N HIS C 102 -14.42 4.64 13.87
CA HIS C 102 -14.14 5.64 14.90
C HIS C 102 -14.36 5.00 16.27
N GLN C 103 -15.46 4.27 16.38
CA GLN C 103 -15.85 3.59 17.60
C GLN C 103 -14.98 2.40 17.96
N LYS C 104 -14.54 1.66 16.95
CA LYS C 104 -13.68 0.49 17.18
C LYS C 104 -12.25 0.87 17.55
N LEU C 105 -11.86 2.09 17.20
CA LEU C 105 -10.51 2.56 17.51
C LEU C 105 -10.48 3.33 18.82
N SER C 106 -11.64 3.79 19.28
CA SER C 106 -11.74 4.54 20.52
C SER C 106 -11.70 3.58 21.70
N PHE C 107 -10.53 3.49 22.33
CA PHE C 107 -10.38 2.62 23.49
C PHE C 107 -10.60 3.40 24.78
N GLY C 108 -11.35 2.79 25.68
CA GLY C 108 -11.69 3.42 26.95
C GLY C 108 -10.60 4.11 27.75
N PRO C 109 -10.93 5.25 28.37
CA PRO C 109 -10.00 6.06 29.18
C PRO C 109 -9.52 5.21 30.36
N ARG C 110 -8.25 4.87 30.35
CA ARG C 110 -7.69 4.05 31.42
C ARG C 110 -6.64 4.80 32.24
N TYR C 111 -6.09 5.87 31.68
CA TYR C 111 -5.05 6.63 32.36
C TYR C 111 -5.44 8.08 32.61
N GLY C 112 -4.53 9.01 32.34
CA GLY C 112 -4.79 10.42 32.55
C GLY C 112 -3.65 11.14 33.24
N PHE C 113 -2.60 10.40 33.60
CA PHE C 113 -1.45 10.96 34.28
C PHE C 113 -0.14 10.52 33.64
N VAL C 114 0.92 11.31 33.87
CA VAL C 114 2.25 10.99 33.34
C VAL C 114 2.95 10.14 34.41
N TYR C 115 3.04 8.84 34.15
CA TYR C 115 3.66 7.90 35.08
C TYR C 115 5.18 7.95 35.08
N GLU C 116 5.75 7.96 36.28
CA GLU C 116 7.19 8.02 36.46
C GLU C 116 7.82 6.63 36.53
N LEU C 117 8.84 6.42 35.71
CA LEU C 117 9.56 5.16 35.67
C LEU C 117 10.88 5.36 36.41
N GLU C 118 11.05 4.65 37.51
CA GLU C 118 12.27 4.75 38.32
C GLU C 118 13.46 4.04 37.71
N SER C 119 13.23 2.84 37.20
CA SER C 119 14.31 2.05 36.61
C SER C 119 13.98 1.60 35.19
N GLY C 120 15.03 1.32 34.42
CA GLY C 120 14.86 0.87 33.05
C GLY C 120 14.01 -0.39 32.99
N GLU C 121 13.97 -1.12 34.10
CA GLU C 121 13.17 -2.34 34.17
C GLU C 121 11.69 -1.98 34.07
N GLN C 122 11.28 -0.96 34.82
CA GLN C 122 9.88 -0.51 34.79
C GLN C 122 9.51 -0.10 33.37
N PHE C 123 10.50 0.39 32.63
CA PHE C 123 10.32 0.80 31.24
C PHE C 123 10.01 -0.43 30.39
N LEU C 124 10.87 -1.44 30.48
CA LEU C 124 10.70 -2.68 29.73
C LEU C 124 9.37 -3.35 30.08
N GLU C 125 9.05 -3.37 31.37
CA GLU C 125 7.81 -4.00 31.84
C GLU C 125 6.57 -3.28 31.34
N THR C 126 6.60 -1.96 31.28
CA THR C 126 5.44 -1.20 30.82
C THR C 126 5.17 -1.36 29.32
N ILE C 127 6.23 -1.43 28.52
CA ILE C 127 6.07 -1.59 27.08
C ILE C 127 5.70 -3.00 26.66
N GLU C 128 6.09 -3.99 27.48
CA GLU C 128 5.78 -5.38 27.18
C GLU C 128 4.46 -5.83 27.81
N LYS C 129 4.30 -5.54 29.10
CA LYS C 129 3.07 -5.88 29.80
C LYS C 129 2.08 -4.74 29.60
N GLU C 130 1.50 -4.69 28.40
CA GLU C 130 0.54 -3.66 28.06
C GLU C 130 -0.24 -4.12 26.84
N GLN C 131 -1.51 -3.71 26.76
CA GLN C 131 -2.35 -4.10 25.62
C GLN C 131 -1.70 -3.58 24.34
N LYS C 132 -1.65 -4.43 23.33
CA LYS C 132 -1.05 -4.07 22.05
C LYS C 132 -1.73 -2.88 21.37
N ILE C 133 -2.96 -2.60 21.77
CA ILE C 133 -3.74 -1.50 21.21
C ILE C 133 -3.43 -0.16 21.88
N THR C 134 -2.74 -0.20 23.02
CA THR C 134 -2.41 1.01 23.76
C THR C 134 -1.10 1.65 23.35
N THR C 135 -1.17 2.93 22.98
CA THR C 135 0.01 3.69 22.57
C THR C 135 0.71 4.17 23.85
N ILE C 136 2.03 4.04 23.88
CA ILE C 136 2.81 4.46 25.04
C ILE C 136 3.80 5.53 24.59
N VAL C 137 3.80 6.67 25.28
CA VAL C 137 4.71 7.76 24.96
C VAL C 137 5.63 8.00 26.14
N VAL C 138 6.89 7.59 26.01
CA VAL C 138 7.87 7.75 27.07
C VAL C 138 8.74 8.97 26.83
N HIS C 139 8.99 9.74 27.89
CA HIS C 139 9.81 10.93 27.80
C HIS C 139 11.05 10.82 28.66
N ILE C 140 12.18 10.54 28.02
CA ILE C 140 13.45 10.45 28.71
C ILE C 140 13.86 11.91 28.92
N TYR C 141 14.12 12.29 30.17
CA TYR C 141 14.48 13.67 30.47
C TYR C 141 15.52 13.80 31.57
N GLU C 142 15.81 15.05 31.92
CA GLU C 142 16.76 15.38 32.97
C GLU C 142 16.40 16.80 33.36
N ASP C 143 16.06 17.00 34.63
CA ASP C 143 15.67 18.32 35.13
C ASP C 143 16.73 19.39 34.86
N GLY C 144 16.27 20.57 34.44
CA GLY C 144 17.19 21.66 34.18
C GLY C 144 17.61 21.79 32.73
N ILE C 145 17.37 20.75 31.93
CA ILE C 145 17.75 20.80 30.53
C ILE C 145 16.67 21.45 29.68
N LYS C 146 17.10 22.35 28.79
CA LYS C 146 16.21 23.09 27.90
C LYS C 146 15.20 22.17 27.20
N GLY C 147 13.92 22.42 27.47
CA GLY C 147 12.88 21.62 26.85
C GLY C 147 12.36 20.49 27.71
N CYS C 148 13.24 19.83 28.46
CA CYS C 148 12.84 18.72 29.32
C CYS C 148 11.70 19.09 30.27
N ASP C 149 11.82 20.24 30.91
CA ASP C 149 10.82 20.71 31.85
C ASP C 149 9.53 21.14 31.14
N ALA C 150 9.67 21.91 30.07
CA ALA C 150 8.53 22.39 29.30
C ALA C 150 7.71 21.21 28.75
N LEU C 151 8.41 20.21 28.22
CA LEU C 151 7.75 19.04 27.66
C LEU C 151 6.97 18.33 28.75
N ASN C 152 7.59 18.13 29.91
CA ASN C 152 6.95 17.46 31.03
C ASN C 152 5.65 18.15 31.43
N SER C 153 5.66 19.48 31.42
CA SER C 153 4.49 20.26 31.79
C SER C 153 3.38 20.02 30.77
N SER C 154 3.72 20.11 29.48
CA SER C 154 2.75 19.89 28.41
C SER C 154 2.17 18.48 28.50
N LEU C 155 3.02 17.51 28.75
CA LEU C 155 2.61 16.11 28.85
C LEU C 155 1.58 15.88 29.95
N ILE C 156 1.68 16.63 31.04
CA ILE C 156 0.74 16.49 32.16
C ILE C 156 -0.69 16.66 31.64
N CYS C 157 -0.91 17.71 30.86
CA CYS C 157 -2.24 17.99 30.31
C CYS C 157 -2.56 17.08 29.13
N LEU C 158 -1.56 16.78 28.31
CA LEU C 158 -1.75 15.92 27.15
C LEU C 158 -2.23 14.54 27.61
N ALA C 159 -1.69 14.09 28.75
CA ALA C 159 -2.05 12.80 29.32
C ALA C 159 -3.52 12.80 29.75
N ALA C 160 -3.99 13.94 30.25
CA ALA C 160 -5.38 14.07 30.69
C ALA C 160 -6.29 14.12 29.47
N GLU C 161 -5.80 14.72 28.39
CA GLU C 161 -6.57 14.84 27.15
C GLU C 161 -6.69 13.50 26.43
N TYR C 162 -5.67 12.66 26.58
CA TYR C 162 -5.66 11.36 25.93
C TYR C 162 -5.49 10.22 26.95
N PRO C 163 -6.52 9.97 27.77
CA PRO C 163 -6.47 8.90 28.78
C PRO C 163 -6.29 7.50 28.19
N MET C 164 -6.42 7.38 26.88
CA MET C 164 -6.24 6.09 26.21
C MET C 164 -4.76 5.84 25.92
N VAL C 165 -3.96 6.89 26.04
CA VAL C 165 -2.52 6.80 25.79
C VAL C 165 -1.79 6.82 27.12
N LYS C 166 -0.82 5.94 27.28
CA LYS C 166 -0.06 5.90 28.52
C LYS C 166 1.21 6.72 28.39
N PHE C 167 1.24 7.85 29.07
CA PHE C 167 2.40 8.74 29.04
C PHE C 167 3.30 8.42 30.22
N CYS C 168 4.57 8.20 29.93
CA CYS C 168 5.53 7.89 30.97
C CYS C 168 6.77 8.76 30.84
N LYS C 169 7.48 8.96 31.93
CA LYS C 169 8.67 9.79 31.94
C LYS C 169 9.75 9.04 32.72
N ILE C 170 11.00 9.26 32.35
CA ILE C 170 12.12 8.59 33.02
C ILE C 170 13.39 9.40 32.84
N LYS C 171 14.11 9.61 33.94
CA LYS C 171 15.35 10.37 33.90
C LYS C 171 16.39 9.55 33.15
N ALA C 172 17.23 10.23 32.38
CA ALA C 172 18.28 9.56 31.61
C ALA C 172 19.14 8.75 32.57
N SER C 173 19.40 9.31 33.74
CA SER C 173 20.22 8.66 34.76
C SER C 173 19.58 7.36 35.26
N ASN C 174 18.28 7.24 35.09
CA ASN C 174 17.55 6.06 35.55
C ASN C 174 17.28 5.00 34.48
N THR C 175 17.58 5.32 33.21
CA THR C 175 17.37 4.36 32.14
C THR C 175 18.41 3.24 32.28
N GLY C 176 19.60 3.62 32.71
CA GLY C 176 20.67 2.67 32.89
C GLY C 176 21.30 2.24 31.58
N ALA C 177 20.92 2.90 30.49
CA ALA C 177 21.45 2.58 29.16
C ALA C 177 22.80 3.23 28.93
N GLY C 178 23.78 2.85 29.76
CA GLY C 178 25.12 3.39 29.66
C GLY C 178 25.13 4.90 29.60
N ASP C 179 25.50 5.43 28.45
CA ASP C 179 25.56 6.87 28.23
C ASP C 179 24.98 7.19 26.85
N ARG C 180 23.87 6.52 26.51
CA ARG C 180 23.25 6.74 25.21
C ARG C 180 22.27 7.91 25.23
N PHE C 181 21.50 8.04 26.31
CA PHE C 181 20.55 9.13 26.44
C PHE C 181 21.23 10.28 27.17
N SER C 182 21.98 11.08 26.42
CA SER C 182 22.69 12.21 27.01
C SER C 182 22.04 13.56 26.69
N SER C 183 22.60 14.62 27.28
CA SER C 183 22.10 15.98 27.11
C SER C 183 21.97 16.43 25.65
N ASP C 184 22.79 15.87 24.77
CA ASP C 184 22.75 16.22 23.35
C ASP C 184 21.59 15.54 22.64
N VAL C 185 20.96 14.59 23.32
CA VAL C 185 19.84 13.83 22.77
C VAL C 185 18.53 14.27 23.46
N LEU C 186 18.65 14.67 24.72
CA LEU C 186 17.50 15.10 25.51
C LEU C 186 16.98 16.45 25.00
N PRO C 187 15.65 16.64 25.02
CA PRO C 187 14.60 15.73 25.45
C PRO C 187 14.25 14.69 24.39
N THR C 188 14.28 13.41 24.77
CA THR C 188 13.96 12.33 23.84
C THR C 188 12.55 11.83 24.13
N LEU C 189 11.78 11.58 23.07
CA LEU C 189 10.41 11.10 23.21
C LEU C 189 10.24 9.82 22.39
N LEU C 190 10.07 8.71 23.08
CA LEU C 190 9.88 7.41 22.45
C LEU C 190 8.41 7.05 22.44
N VAL C 191 7.92 6.55 21.31
CA VAL C 191 6.52 6.17 21.18
C VAL C 191 6.43 4.70 20.79
N TYR C 192 5.84 3.90 21.68
CA TYR C 192 5.67 2.47 21.46
C TYR C 192 4.20 2.09 21.32
N LYS C 193 3.96 0.88 20.85
CA LYS C 193 2.61 0.34 20.68
C LYS C 193 2.75 -1.14 20.36
N GLY C 194 2.20 -1.98 21.23
CA GLY C 194 2.28 -3.41 21.03
C GLY C 194 3.71 -3.90 20.92
N GLY C 195 4.58 -3.40 21.79
CA GLY C 195 5.97 -3.80 21.77
C GLY C 195 6.78 -3.23 20.62
N GLU C 196 6.10 -2.61 19.65
CA GLU C 196 6.77 -2.03 18.49
C GLU C 196 7.15 -0.58 18.76
N LEU C 197 8.35 -0.19 18.34
CA LEU C 197 8.81 1.19 18.51
C LEU C 197 8.36 1.94 17.26
N LEU C 198 7.33 2.76 17.43
CA LEU C 198 6.79 3.54 16.31
C LEU C 198 7.73 4.67 15.91
N SER C 199 8.15 5.47 16.88
CA SER C 199 9.04 6.59 16.60
C SER C 199 9.92 6.95 17.79
N ASN C 200 11.12 7.44 17.49
CA ASN C 200 12.11 7.85 18.48
C ASN C 200 12.53 9.28 18.10
N PHE C 201 12.05 10.25 18.85
CA PHE C 201 12.38 11.65 18.57
C PHE C 201 13.49 12.19 19.46
N ILE C 202 14.58 12.60 18.84
CA ILE C 202 15.73 13.15 19.56
C ILE C 202 15.56 14.67 19.61
N SER C 203 15.73 15.25 20.80
CA SER C 203 15.60 16.70 20.99
C SER C 203 14.26 17.20 20.41
N VAL C 204 13.18 16.55 20.84
CA VAL C 204 11.83 16.87 20.39
C VAL C 204 11.50 18.36 20.44
N THR C 205 11.89 19.02 21.52
CA THR C 205 11.63 20.44 21.71
C THR C 205 12.23 21.33 20.62
N GLU C 206 13.36 20.92 20.05
CA GLU C 206 14.00 21.70 18.99
C GLU C 206 13.14 21.76 17.73
N GLN C 207 12.10 20.91 17.69
CA GLN C 207 11.20 20.87 16.55
C GLN C 207 9.83 21.42 16.95
N LEU C 208 9.83 22.27 17.97
CA LEU C 208 8.62 22.90 18.48
C LEU C 208 8.92 24.38 18.67
N ALA C 209 7.89 25.16 18.98
CA ALA C 209 8.06 26.59 19.19
C ALA C 209 8.92 26.86 20.41
N GLU C 210 9.63 27.99 20.39
CA GLU C 210 10.51 28.41 21.49
C GLU C 210 9.78 28.28 22.83
N GLU C 211 8.52 28.68 22.84
CA GLU C 211 7.68 28.62 24.02
C GLU C 211 6.41 27.90 23.57
N PHE C 212 6.43 26.58 23.71
CA PHE C 212 5.30 25.75 23.31
C PHE C 212 4.40 25.37 24.48
N PHE C 213 3.28 24.74 24.18
CA PHE C 213 2.33 24.31 25.18
C PHE C 213 1.78 22.95 24.78
N THR C 214 0.84 22.43 25.57
CA THR C 214 0.22 21.13 25.30
C THR C 214 -0.23 20.98 23.84
N GLY C 215 -0.90 22.01 23.32
CA GLY C 215 -1.36 21.97 21.95
C GLY C 215 -0.29 21.73 20.91
N ASP C 216 0.92 22.23 21.16
CA ASP C 216 2.04 22.08 20.23
C ASP C 216 2.50 20.63 20.14
N VAL C 217 2.65 19.97 21.28
CA VAL C 217 3.08 18.58 21.31
C VAL C 217 1.99 17.76 20.63
N GLU C 218 0.74 18.15 20.89
CA GLU C 218 -0.42 17.50 20.31
C GLU C 218 -0.33 17.54 18.77
N SER C 219 -0.15 18.74 18.23
CA SER C 219 -0.03 18.94 16.79
C SER C 219 1.11 18.12 16.19
N PHE C 220 2.27 18.19 16.84
CA PHE C 220 3.46 17.47 16.40
C PHE C 220 3.18 15.97 16.28
N LEU C 221 2.68 15.38 17.35
CA LEU C 221 2.37 13.95 17.38
C LEU C 221 1.26 13.59 16.39
N ASN C 222 0.32 14.50 16.17
CA ASN C 222 -0.78 14.26 15.24
C ASN C 222 -0.24 14.20 13.81
N GLU C 223 0.77 15.00 13.53
CA GLU C 223 1.38 15.04 12.21
C GLU C 223 2.25 13.82 11.94
N TYR C 224 2.24 12.88 12.88
CA TYR C 224 2.99 11.63 12.76
C TYR C 224 2.05 10.46 13.00
N GLY C 225 0.78 10.76 13.23
CA GLY C 225 -0.22 9.73 13.47
C GLY C 225 0.08 8.91 14.72
N LEU C 226 0.76 9.53 15.68
CA LEU C 226 1.13 8.85 16.93
C LEU C 226 0.11 9.01 18.04
N LEU C 227 -0.83 9.95 17.88
CA LEU C 227 -1.85 10.16 18.90
C LEU C 227 -3.21 9.69 18.38
N PRO C 228 -3.96 8.95 19.23
CA PRO C 228 -5.30 8.46 18.86
C PRO C 228 -6.26 9.65 18.80
N GLU C 229 -7.55 9.38 18.74
CA GLU C 229 -8.51 10.48 18.68
C GLU C 229 -9.10 10.78 20.05
N LYS C 230 -9.82 11.90 20.14
CA LYS C 230 -10.46 12.31 21.38
C LYS C 230 -11.90 11.81 21.36
#